data_1BEP
#
_entry.id   1BEP
#
_cell.length_a   105.120
_cell.length_b   74.306
_cell.length_c   45.364
_cell.angle_alpha   90.00
_cell.angle_beta   90.00
_cell.angle_gamma   90.00
#
_symmetry.space_group_name_H-M   'P 21 21 21'
#
loop_
_entity.id
_entity.type
_entity.pdbx_description
1 polymer 'YEAST CYTOCHROME C PEROXIDASE'
2 non-polymer [7-ETHENYL-12-FORMYL-3,8,13,17-TERTRAMETHYL-21H,23H-PORPHINE-2,18-DIPROPANOATO(2)-N21,N22,N23,N24]IRON
3 water water
#
_entity_poly.entity_id   1
_entity_poly.type   'polypeptide(L)'
_entity_poly.pdbx_seq_one_letter_code
;LVHVASVEKGRSYEDFQKVYNAIALKLREDDEYDNYIGYGPVLVRLAWHISGTWDKHDNTGGSYGGTYRFKKEFNDPSNA
GLQNGFKFLEPIHKEFPWISSGDLFSLGGVTAVQEMQGPKIPWRCGRVDTPEDTTPDNGRLPDADKDAGYVRTFFQRLNM
NDREVVALMGAHALGKTHLKNSGYEGPWGAANNVFTNEFYLNLLNEDWKLEKNDANNEQWDSKSGYMMLPTDYSLIQDPK
YLSIVKEYANDQDKFFKDFSKAFEKLLEDGITFPKDAPSPFIFKTLEEQGL
;
_entity_poly.pdbx_strand_id   A
#
loop_
_chem_comp.id
_chem_comp.type
_chem_comp.name
_chem_comp.formula
CCH non-polymer [7-ETHENYL-12-FORMYL-3,8,13,17-TERTRAMETHYL-21H,23H-PORPHINE-2,18-DIPROPANOATO(2)-N21,N22,N23,N24]IRON 'C33 H30 Fe N4 O5'
#
# COMPACT_ATOMS: atom_id res chain seq x y z
N LEU A 1 14.46 13.23 16.14
CA LEU A 1 13.03 13.00 15.95
C LEU A 1 12.61 11.66 16.50
N VAL A 2 11.68 11.70 17.42
CA VAL A 2 11.15 10.47 17.98
C VAL A 2 9.67 10.61 17.84
N HIS A 3 9.00 9.54 17.46
CA HIS A 3 7.58 9.59 17.30
C HIS A 3 7.03 8.55 18.19
N VAL A 4 6.48 8.98 19.31
CA VAL A 4 5.97 7.96 20.17
C VAL A 4 4.51 7.77 19.93
N ALA A 5 4.15 6.50 19.84
CA ALA A 5 2.78 6.15 19.59
C ALA A 5 1.94 6.46 20.84
N SER A 6 0.90 7.22 20.63
CA SER A 6 0.01 7.57 21.72
C SER A 6 -1.43 7.16 21.42
N VAL A 7 -1.89 6.11 22.10
CA VAL A 7 -3.25 5.64 21.90
C VAL A 7 -4.30 6.71 22.06
N GLU A 8 -5.24 6.75 21.12
CA GLU A 8 -6.32 7.71 21.18
C GLU A 8 -7.03 7.52 22.52
N LYS A 9 -7.07 8.60 23.27
CA LYS A 9 -7.66 8.63 24.60
C LYS A 9 -8.92 7.80 24.83
N GLY A 10 -8.76 6.78 25.64
CA GLY A 10 -9.83 5.90 26.02
C GLY A 10 -10.41 4.99 24.98
N ARG A 11 -9.69 4.77 23.89
CA ARG A 11 -10.20 3.89 22.85
C ARG A 11 -9.63 2.50 23.01
N SER A 12 -10.41 1.51 22.65
CA SER A 12 -9.95 0.15 22.71
C SER A 12 -10.13 -0.52 21.33
N TYR A 13 -9.76 -1.80 21.27
CA TYR A 13 -9.83 -2.63 20.10
C TYR A 13 -11.21 -2.44 19.45
N GLU A 14 -12.25 -2.72 20.22
CA GLU A 14 -13.64 -2.60 19.79
C GLU A 14 -13.89 -1.27 19.13
N ASP A 15 -13.18 -0.27 19.60
CA ASP A 15 -13.37 1.01 18.97
C ASP A 15 -12.78 0.97 17.57
N PHE A 16 -11.64 0.26 17.44
CA PHE A 16 -11.01 0.18 16.14
C PHE A 16 -11.79 -0.68 15.15
N GLN A 17 -12.22 -1.83 15.64
CA GLN A 17 -12.98 -2.77 14.87
C GLN A 17 -14.15 -2.13 14.15
N LYS A 18 -14.73 -1.10 14.77
CA LYS A 18 -15.84 -0.34 14.24
C LYS A 18 -15.42 0.53 13.08
N VAL A 19 -14.25 1.15 13.22
CA VAL A 19 -13.79 1.97 12.13
C VAL A 19 -13.57 1.07 10.93
N TYR A 20 -12.94 -0.08 11.20
CA TYR A 20 -12.65 -1.10 10.23
C TYR A 20 -13.92 -1.52 9.50
N ASN A 21 -14.91 -1.91 10.30
CA ASN A 21 -16.19 -2.35 9.77
C ASN A 21 -16.84 -1.30 8.88
N ALA A 22 -16.72 -0.03 9.24
CA ALA A 22 -17.30 1.01 8.45
C ALA A 22 -16.64 1.11 7.10
N ILE A 23 -15.33 1.01 7.12
CA ILE A 23 -14.59 1.09 5.89
C ILE A 23 -14.99 -0.10 5.02
N ALA A 24 -15.01 -1.25 5.64
CA ALA A 24 -15.34 -2.47 4.98
C ALA A 24 -16.72 -2.44 4.35
N LEU A 25 -17.68 -1.87 5.07
CA LEU A 25 -19.03 -1.80 4.55
C LEU A 25 -19.14 -0.88 3.37
N LYS A 26 -18.35 0.19 3.44
CA LYS A 26 -18.37 1.13 2.38
C LYS A 26 -17.72 0.57 1.11
N LEU A 27 -16.73 -0.32 1.30
CA LEU A 27 -16.06 -0.92 0.16
C LEU A 27 -17.04 -1.80 -0.60
N ARG A 28 -17.79 -2.50 0.20
CA ARG A 28 -18.78 -3.41 -0.29
C ARG A 28 -19.84 -2.70 -1.10
N GLU A 29 -20.19 -1.52 -0.62
CA GLU A 29 -21.21 -0.69 -1.21
C GLU A 29 -20.84 0.09 -2.45
N ASP A 30 -19.65 0.71 -2.43
CA ASP A 30 -19.16 1.52 -3.54
C ASP A 30 -18.36 0.73 -4.55
N ASP A 31 -18.93 -0.36 -5.02
CA ASP A 31 -18.30 -1.25 -5.97
C ASP A 31 -18.16 -0.81 -7.41
N GLU A 32 -18.82 0.26 -7.81
CA GLU A 32 -18.73 0.69 -9.20
C GLU A 32 -17.41 1.33 -9.62
N TYR A 33 -16.74 1.87 -8.62
CA TYR A 33 -15.48 2.55 -8.76
C TYR A 33 -14.47 1.88 -9.70
N ASP A 34 -13.91 2.72 -10.55
CA ASP A 34 -12.91 2.36 -11.53
C ASP A 34 -13.37 1.16 -12.36
N ASN A 35 -14.48 1.32 -13.06
CA ASN A 35 -14.99 0.23 -13.88
C ASN A 35 -15.16 -1.06 -13.10
N TYR A 36 -15.78 -0.93 -11.93
CA TYR A 36 -16.05 -2.05 -11.07
C TYR A 36 -14.88 -2.75 -10.39
N ILE A 37 -13.78 -2.04 -10.22
CA ILE A 37 -12.67 -2.68 -9.52
C ILE A 37 -12.92 -2.55 -8.03
N GLY A 38 -13.44 -1.38 -7.67
CA GLY A 38 -13.72 -1.09 -6.28
C GLY A 38 -12.58 -0.22 -5.75
N TYR A 39 -12.74 0.31 -4.53
CA TYR A 39 -11.72 1.15 -3.96
C TYR A 39 -10.59 0.43 -3.22
N GLY A 40 -10.71 -0.88 -3.10
CA GLY A 40 -9.70 -1.68 -2.41
C GLY A 40 -8.28 -1.30 -2.80
N PRO A 41 -7.98 -1.48 -4.07
CA PRO A 41 -6.66 -1.15 -4.56
C PRO A 41 -6.19 0.26 -4.25
N VAL A 42 -7.01 1.24 -4.54
CA VAL A 42 -6.58 2.60 -4.28
C VAL A 42 -6.23 2.89 -2.81
N LEU A 43 -6.93 2.19 -1.89
CA LEU A 43 -6.71 2.35 -0.46
C LEU A 43 -5.39 1.69 -0.09
N VAL A 44 -5.09 0.57 -0.74
CA VAL A 44 -3.84 -0.06 -0.41
C VAL A 44 -2.68 0.89 -0.82
N ARG A 45 -2.82 1.49 -1.99
CA ARG A 45 -1.80 2.40 -2.47
C ARG A 45 -1.68 3.65 -1.60
N LEU A 46 -2.80 4.11 -1.05
CA LEU A 46 -2.73 5.29 -0.21
C LEU A 46 -1.90 5.01 1.04
N ALA A 47 -2.17 3.89 1.68
CA ALA A 47 -1.47 3.51 2.87
C ALA A 47 0.03 3.37 2.63
N TRP A 48 0.37 2.88 1.46
CA TRP A 48 1.76 2.70 1.13
C TRP A 48 2.43 4.04 0.86
N HIS A 49 1.72 4.92 0.16
CA HIS A 49 2.21 6.25 -0.17
C HIS A 49 2.44 7.21 1.01
N ILE A 50 1.58 7.12 2.01
CA ILE A 50 1.73 7.98 3.17
C ILE A 50 2.88 7.42 3.99
N SER A 51 3.18 6.14 3.79
CA SER A 51 4.25 5.49 4.52
C SER A 51 5.62 5.50 3.83
N GLY A 52 5.63 5.60 2.50
CA GLY A 52 6.86 5.56 1.74
C GLY A 52 7.65 6.84 1.71
N THR A 53 7.24 7.84 2.47
CA THR A 53 7.98 9.07 2.47
C THR A 53 9.04 9.04 3.53
N TRP A 54 9.00 7.99 4.32
CA TRP A 54 9.93 7.81 5.41
C TRP A 54 11.39 7.79 5.04
N ASP A 55 12.20 8.35 5.94
CA ASP A 55 13.63 8.38 5.76
C ASP A 55 14.34 7.95 7.03
N LYS A 56 14.75 6.69 7.06
CA LYS A 56 15.45 6.06 8.15
C LYS A 56 16.67 6.83 8.61
N HIS A 57 17.14 7.76 7.80
CA HIS A 57 18.30 8.50 8.21
C HIS A 57 18.00 9.56 9.26
N ASP A 58 16.92 10.31 9.03
CA ASP A 58 16.56 11.35 9.98
C ASP A 58 15.18 11.15 10.57
N ASN A 59 14.54 10.03 10.24
CA ASN A 59 13.23 9.77 10.78
C ASN A 59 12.10 10.70 10.36
N THR A 60 12.28 11.45 9.26
CA THR A 60 11.25 12.32 8.79
C THR A 60 10.35 11.52 7.85
N GLY A 61 9.09 11.92 7.73
CA GLY A 61 8.18 11.21 6.88
C GLY A 61 7.63 9.98 7.60
N GLY A 62 7.04 9.05 6.83
CA GLY A 62 6.45 7.86 7.43
C GLY A 62 4.97 8.17 7.70
N SER A 63 4.21 7.19 8.19
CA SER A 63 2.78 7.35 8.45
C SER A 63 2.32 8.14 9.66
N TYR A 64 3.15 8.16 10.70
CA TYR A 64 2.84 8.83 11.96
C TYR A 64 2.01 10.09 11.95
N GLY A 65 2.53 11.11 11.30
CA GLY A 65 1.95 12.43 11.21
C GLY A 65 0.70 12.70 10.39
N GLY A 66 0.28 11.78 9.54
CA GLY A 66 -0.91 12.03 8.73
C GLY A 66 -0.75 13.25 7.83
N THR A 67 0.51 13.57 7.54
CA THR A 67 0.81 14.72 6.71
C THR A 67 0.15 14.76 5.34
N TYR A 68 -0.31 13.63 4.82
CA TYR A 68 -0.95 13.62 3.49
C TYR A 68 -2.08 14.63 3.40
N ARG A 69 -2.67 14.91 4.56
CA ARG A 69 -3.75 15.85 4.67
C ARG A 69 -3.39 17.27 4.28
N PHE A 70 -2.09 17.57 4.22
CA PHE A 70 -1.61 18.89 3.85
C PHE A 70 -1.43 19.03 2.34
N LYS A 71 -1.61 20.23 1.83
CA LYS A 71 -1.48 20.51 0.41
C LYS A 71 -0.20 20.03 -0.23
N LYS A 72 0.95 20.35 0.38
CA LYS A 72 2.27 19.95 -0.12
C LYS A 72 2.26 18.47 -0.51
N GLU A 73 2.01 17.62 0.47
CA GLU A 73 1.99 16.19 0.25
C GLU A 73 0.82 15.75 -0.61
N PHE A 74 -0.34 16.33 -0.34
CA PHE A 74 -1.53 15.99 -1.08
C PHE A 74 -1.41 16.21 -2.59
N ASN A 75 -0.77 17.31 -2.96
CA ASN A 75 -0.58 17.63 -4.35
C ASN A 75 0.67 17.03 -4.99
N ASP A 76 1.39 16.17 -4.25
CA ASP A 76 2.56 15.54 -4.81
C ASP A 76 2.16 14.72 -6.06
N PRO A 77 2.84 15.03 -7.15
CA PRO A 77 2.64 14.38 -8.43
C PRO A 77 2.67 12.87 -8.31
N SER A 78 3.54 12.34 -7.45
CA SER A 78 3.59 10.88 -7.29
C SER A 78 2.29 10.42 -6.62
N ASN A 79 1.54 11.38 -6.09
CA ASN A 79 0.31 11.07 -5.41
C ASN A 79 -0.94 11.15 -6.25
N ALA A 80 -0.79 11.55 -7.51
CA ALA A 80 -1.88 11.67 -8.46
C ALA A 80 -2.88 10.52 -8.34
N GLY A 81 -4.16 10.81 -8.21
CA GLY A 81 -5.13 9.72 -8.08
C GLY A 81 -5.45 9.27 -6.66
N LEU A 82 -4.57 9.55 -5.70
CA LEU A 82 -4.80 9.15 -4.30
C LEU A 82 -6.01 9.86 -3.66
N GLN A 83 -6.35 11.02 -4.23
CA GLN A 83 -7.47 11.83 -3.79
C GLN A 83 -8.78 11.07 -3.83
N ASN A 84 -8.88 10.07 -4.67
CA ASN A 84 -10.12 9.31 -4.69
C ASN A 84 -10.17 8.46 -3.43
N GLY A 85 -9.00 8.09 -2.89
CA GLY A 85 -9.01 7.27 -1.70
C GLY A 85 -9.34 8.15 -0.48
N PHE A 86 -8.88 9.36 -0.56
CA PHE A 86 -9.10 10.29 0.48
C PHE A 86 -10.59 10.54 0.63
N LYS A 87 -11.16 10.99 -0.48
CA LYS A 87 -12.58 11.31 -0.60
C LYS A 87 -13.39 10.13 -0.08
N PHE A 88 -12.90 8.90 -0.33
CA PHE A 88 -13.62 7.74 0.14
C PHE A 88 -13.67 7.68 1.67
N LEU A 89 -12.54 7.98 2.28
CA LEU A 89 -12.37 7.95 3.73
C LEU A 89 -12.97 9.12 4.51
N GLU A 90 -13.07 10.26 3.86
CA GLU A 90 -13.59 11.46 4.45
C GLU A 90 -14.85 11.33 5.33
N PRO A 91 -15.88 10.65 4.83
CA PRO A 91 -17.10 10.44 5.58
C PRO A 91 -16.84 9.51 6.74
N ILE A 92 -15.87 8.62 6.57
CA ILE A 92 -15.57 7.71 7.65
C ILE A 92 -14.97 8.46 8.81
N HIS A 93 -14.14 9.44 8.46
CA HIS A 93 -13.50 10.24 9.48
C HIS A 93 -14.56 11.01 10.26
N LYS A 94 -15.51 11.58 9.52
CA LYS A 94 -16.60 12.33 10.08
C LYS A 94 -17.37 11.50 11.09
N GLU A 95 -17.53 10.23 10.76
CA GLU A 95 -18.22 9.30 11.62
C GLU A 95 -17.37 9.00 12.82
N PHE A 96 -16.05 8.96 12.66
CA PHE A 96 -15.18 8.66 13.79
C PHE A 96 -14.07 9.70 13.90
N PRO A 97 -14.47 10.89 14.28
CA PRO A 97 -13.58 12.01 14.42
C PRO A 97 -12.42 11.91 15.40
N TRP A 98 -12.47 11.00 16.36
CA TRP A 98 -11.42 10.81 17.34
C TRP A 98 -10.21 10.04 16.79
N ILE A 99 -10.34 9.41 15.61
CA ILE A 99 -9.23 8.66 15.04
C ILE A 99 -8.19 9.57 14.46
N SER A 100 -6.91 9.28 14.63
CA SER A 100 -5.97 10.22 14.01
C SER A 100 -5.90 9.97 12.49
N SER A 101 -5.40 10.92 11.72
CA SER A 101 -5.31 10.72 10.28
C SER A 101 -4.41 9.55 9.90
N GLY A 102 -3.21 9.51 10.45
CA GLY A 102 -2.30 8.44 10.13
C GLY A 102 -2.92 7.12 10.48
N ASP A 103 -3.68 7.09 11.58
CA ASP A 103 -4.28 5.83 11.91
C ASP A 103 -5.34 5.45 10.88
N LEU A 104 -6.11 6.42 10.43
CA LEU A 104 -7.14 6.15 9.43
C LEU A 104 -6.57 5.69 8.07
N PHE A 105 -5.63 6.46 7.53
CA PHE A 105 -5.04 6.12 6.25
C PHE A 105 -4.43 4.74 6.28
N SER A 106 -3.74 4.44 7.36
CA SER A 106 -3.14 3.14 7.42
C SER A 106 -4.12 2.03 7.64
N LEU A 107 -5.18 2.33 8.37
CA LEU A 107 -6.14 1.28 8.62
C LEU A 107 -6.96 0.89 7.37
N GLY A 108 -7.14 1.85 6.48
CA GLY A 108 -7.89 1.57 5.27
C GLY A 108 -7.14 0.56 4.39
N GLY A 109 -5.81 0.65 4.41
CA GLY A 109 -4.95 -0.26 3.64
C GLY A 109 -5.12 -1.67 4.17
N VAL A 110 -5.08 -1.79 5.51
CA VAL A 110 -5.26 -3.07 6.18
C VAL A 110 -6.65 -3.64 5.86
N THR A 111 -7.66 -2.79 5.97
CA THR A 111 -9.03 -3.21 5.71
C THR A 111 -9.14 -3.74 4.28
N ALA A 112 -8.67 -2.93 3.35
CA ALA A 112 -8.68 -3.27 1.94
C ALA A 112 -8.11 -4.66 1.70
N VAL A 113 -6.89 -4.85 2.13
CA VAL A 113 -6.26 -6.13 1.93
C VAL A 113 -7.03 -7.33 2.48
N GLN A 114 -7.44 -7.20 3.73
CA GLN A 114 -8.17 -8.30 4.33
C GLN A 114 -9.52 -8.51 3.71
N GLU A 115 -10.20 -7.45 3.32
CA GLU A 115 -11.52 -7.67 2.73
C GLU A 115 -11.44 -8.25 1.31
N MET A 116 -10.28 -8.08 0.68
CA MET A 116 -10.00 -8.56 -0.67
C MET A 116 -9.39 -9.93 -0.62
N GLN A 117 -9.65 -10.61 0.48
CA GLN A 117 -9.16 -11.92 0.71
C GLN A 117 -7.67 -12.06 0.98
N GLY A 118 -7.01 -10.96 1.30
CA GLY A 118 -5.60 -11.06 1.58
C GLY A 118 -5.35 -11.71 2.93
N PRO A 119 -4.12 -11.65 3.43
CA PRO A 119 -3.87 -12.26 4.71
C PRO A 119 -4.24 -11.23 5.79
N LYS A 120 -4.26 -11.69 7.03
CA LYS A 120 -4.55 -10.80 8.14
C LYS A 120 -3.27 -10.05 8.41
N ILE A 121 -3.35 -8.73 8.50
CA ILE A 121 -2.27 -7.83 8.78
C ILE A 121 -2.46 -7.21 10.20
N PRO A 122 -1.59 -7.55 11.14
CA PRO A 122 -1.71 -6.98 12.47
C PRO A 122 -1.51 -5.50 12.33
N TRP A 123 -2.26 -4.72 13.10
CA TRP A 123 -2.18 -3.27 13.03
C TRP A 123 -2.09 -2.64 14.42
N ARG A 124 -1.44 -1.48 14.49
CA ARG A 124 -1.25 -0.72 15.71
C ARG A 124 -1.76 0.70 15.60
N CYS A 125 -2.42 1.19 16.65
CA CYS A 125 -2.97 2.55 16.71
C CYS A 125 -1.99 3.45 17.48
N GLY A 126 -2.14 4.78 17.44
CA GLY A 126 -1.16 5.53 18.20
C GLY A 126 -0.49 6.63 17.41
N ARG A 127 -0.81 6.70 16.11
CA ARG A 127 -0.23 7.72 15.23
C ARG A 127 -0.79 9.07 15.64
N VAL A 128 0.05 10.10 15.60
CA VAL A 128 -0.44 11.41 16.01
C VAL A 128 -0.33 12.46 14.95
N ASP A 129 -1.45 13.15 14.73
CA ASP A 129 -1.39 14.18 13.72
C ASP A 129 -0.34 15.22 14.05
N THR A 130 0.47 15.58 13.07
CA THR A 130 1.50 16.57 13.27
C THR A 130 1.20 17.76 12.42
N PRO A 131 1.87 18.85 12.76
CA PRO A 131 1.72 20.12 12.09
C PRO A 131 2.13 20.14 10.62
N GLU A 132 1.58 21.10 9.92
CA GLU A 132 1.83 21.26 8.50
C GLU A 132 3.32 21.34 8.17
N ASP A 133 4.04 21.86 9.15
CA ASP A 133 5.47 22.05 9.06
C ASP A 133 6.26 20.76 8.88
N THR A 134 5.71 19.65 9.36
CA THR A 134 6.38 18.37 9.27
C THR A 134 6.13 17.59 8.00
N THR A 135 5.43 18.21 7.06
CA THR A 135 5.13 17.58 5.80
C THR A 135 6.41 17.45 4.99
N PRO A 136 6.76 16.22 4.63
CA PRO A 136 7.97 16.01 3.85
C PRO A 136 7.85 16.63 2.48
N ASP A 137 8.99 16.94 1.88
CA ASP A 137 8.92 17.54 0.55
C ASP A 137 8.60 16.46 -0.46
N ASN A 138 8.12 16.86 -1.63
CA ASN A 138 7.79 15.93 -2.69
C ASN A 138 9.09 15.34 -3.21
N GLY A 139 9.00 14.16 -3.83
CA GLY A 139 10.20 13.55 -4.37
C GLY A 139 10.71 12.36 -3.59
N ARG A 140 10.00 11.94 -2.55
CA ARG A 140 10.46 10.79 -1.79
C ARG A 140 9.97 9.44 -2.29
N LEU A 141 8.96 9.46 -3.17
CA LEU A 141 8.42 8.23 -3.71
C LEU A 141 9.19 7.77 -4.98
N PRO A 142 9.23 6.48 -5.19
CA PRO A 142 9.95 5.92 -6.34
C PRO A 142 9.40 6.13 -7.74
N ASP A 143 10.34 6.21 -8.67
CA ASP A 143 10.09 6.37 -10.09
C ASP A 143 9.86 4.99 -10.67
N ALA A 144 9.08 4.88 -11.74
CA ALA A 144 8.82 3.57 -12.31
C ALA A 144 9.67 3.15 -13.51
N ASP A 145 10.35 4.09 -14.14
CA ASP A 145 11.16 3.76 -15.30
C ASP A 145 12.55 3.33 -14.93
N LYS A 146 12.70 2.61 -13.84
CA LYS A 146 14.04 2.23 -13.44
C LYS A 146 14.26 0.75 -13.41
N ASP A 147 15.40 0.41 -12.82
CA ASP A 147 15.78 -0.97 -12.72
C ASP A 147 16.03 -1.47 -11.31
N ALA A 148 16.34 -2.76 -11.23
CA ALA A 148 16.63 -3.42 -9.98
C ALA A 148 17.59 -2.66 -9.06
N GLY A 149 18.65 -2.07 -9.59
CA GLY A 149 19.58 -1.35 -8.75
C GLY A 149 18.92 -0.17 -8.06
N TYR A 150 18.14 0.54 -8.84
CA TYR A 150 17.43 1.67 -8.30
C TYR A 150 16.52 1.24 -7.16
N VAL A 151 15.75 0.21 -7.46
CA VAL A 151 14.80 -0.36 -6.53
C VAL A 151 15.44 -0.83 -5.24
N ARG A 152 16.58 -1.51 -5.34
CA ARG A 152 17.26 -2.04 -4.17
C ARG A 152 17.67 -0.88 -3.25
N THR A 153 18.29 0.08 -3.88
CA THR A 153 18.77 1.28 -3.25
C THR A 153 17.63 2.07 -2.62
N PHE A 154 16.59 2.31 -3.40
CA PHE A 154 15.45 3.04 -2.92
C PHE A 154 14.89 2.45 -1.62
N PHE A 155 14.54 1.18 -1.69
CA PHE A 155 13.97 0.46 -0.59
C PHE A 155 14.79 0.39 0.68
N GLN A 156 16.08 0.60 0.50
CA GLN A 156 17.00 0.57 1.61
C GLN A 156 16.74 1.72 2.58
N ARG A 157 16.29 2.84 2.04
CA ARG A 157 15.97 4.06 2.77
C ARG A 157 14.84 3.85 3.75
N LEU A 158 14.09 2.77 3.52
CA LEU A 158 12.95 2.35 4.33
C LEU A 158 13.28 1.11 5.05
N ASN A 159 14.56 0.77 5.04
CA ASN A 159 14.94 -0.44 5.72
C ASN A 159 14.39 -1.74 5.19
N MET A 160 14.10 -1.81 3.90
CA MET A 160 13.58 -3.09 3.45
C MET A 160 14.64 -3.80 2.66
N ASN A 161 14.74 -5.10 2.89
CA ASN A 161 15.68 -5.95 2.21
C ASN A 161 15.05 -6.54 0.95
N ASP A 162 15.77 -7.47 0.33
CA ASP A 162 15.31 -8.09 -0.90
C ASP A 162 13.96 -8.77 -0.80
N ARG A 163 13.86 -9.57 0.24
CA ARG A 163 12.64 -10.31 0.49
C ARG A 163 11.45 -9.42 0.73
N GLU A 164 11.64 -8.36 1.52
CA GLU A 164 10.59 -7.43 1.80
C GLU A 164 10.15 -6.72 0.53
N VAL A 165 11.14 -6.31 -0.24
CA VAL A 165 10.85 -5.62 -1.48
C VAL A 165 10.00 -6.50 -2.42
N VAL A 166 10.37 -7.77 -2.58
CA VAL A 166 9.60 -8.64 -3.47
C VAL A 166 8.21 -8.90 -2.96
N ALA A 167 8.13 -9.11 -1.65
CA ALA A 167 6.82 -9.34 -1.06
C ALA A 167 5.92 -8.14 -1.30
N LEU A 168 6.45 -6.98 -0.94
CA LEU A 168 5.71 -5.76 -1.07
C LEU A 168 5.24 -5.50 -2.48
N MET A 169 6.08 -5.84 -3.44
CA MET A 169 5.72 -5.62 -4.82
C MET A 169 4.54 -6.41 -5.31
N GLY A 170 4.28 -7.55 -4.69
CA GLY A 170 3.15 -8.39 -5.09
C GLY A 170 1.81 -7.67 -4.93
N ALA A 171 1.82 -6.50 -4.29
CA ALA A 171 0.63 -5.66 -4.19
C ALA A 171 0.16 -5.20 -5.58
N HIS A 172 1.06 -5.36 -6.55
CA HIS A 172 0.76 -5.00 -7.91
C HIS A 172 -0.28 -5.92 -8.56
N ALA A 173 -0.71 -6.98 -7.85
CA ALA A 173 -1.74 -7.84 -8.41
C ALA A 173 -3.05 -7.04 -8.46
N LEU A 174 -3.14 -6.05 -7.57
CA LEU A 174 -4.29 -5.17 -7.39
C LEU A 174 -4.37 -3.92 -8.23
N GLY A 175 -5.59 -3.62 -8.61
CA GLY A 175 -5.87 -2.43 -9.40
C GLY A 175 -5.14 -2.40 -10.74
N LYS A 176 -4.79 -1.18 -11.14
CA LYS A 176 -4.13 -0.98 -12.39
C LYS A 176 -3.49 0.38 -12.49
N THR A 177 -2.80 0.61 -13.61
CA THR A 177 -2.19 1.90 -13.83
C THR A 177 -3.18 2.68 -14.66
N HIS A 178 -3.11 3.99 -14.57
CA HIS A 178 -4.01 4.87 -15.30
C HIS A 178 -3.21 5.96 -15.93
N LEU A 179 -3.33 6.00 -17.24
CA LEU A 179 -2.61 6.96 -18.04
C LEU A 179 -2.56 8.37 -17.51
N LYS A 180 -3.74 8.88 -17.17
CA LYS A 180 -3.89 10.23 -16.66
C LYS A 180 -3.20 10.46 -15.34
N ASN A 181 -3.09 9.40 -14.56
CA ASN A 181 -2.44 9.52 -13.27
C ASN A 181 -0.93 9.39 -13.34
N SER A 182 -0.43 8.28 -13.87
CA SER A 182 1.00 8.10 -13.89
C SER A 182 1.69 8.00 -15.24
N GLY A 183 0.98 8.05 -16.34
CA GLY A 183 1.70 7.92 -17.59
C GLY A 183 1.92 6.45 -17.96
N TYR A 184 1.10 5.56 -17.39
CA TYR A 184 1.12 4.12 -17.64
C TYR A 184 -0.31 3.69 -17.72
N GLU A 185 -0.60 2.72 -18.56
CA GLU A 185 -1.96 2.30 -18.70
C GLU A 185 -2.11 0.80 -18.78
N GLY A 186 -3.01 0.22 -17.96
CA GLY A 186 -3.29 -1.20 -17.93
C GLY A 186 -3.13 -1.90 -16.60
N PRO A 187 -3.80 -3.02 -16.46
CA PRO A 187 -3.71 -3.80 -15.23
C PRO A 187 -2.54 -4.76 -15.33
N TRP A 188 -2.18 -5.32 -14.18
CA TRP A 188 -1.08 -6.29 -14.09
C TRP A 188 -1.59 -7.72 -14.20
N GLY A 189 -2.89 -7.88 -14.11
CA GLY A 189 -3.41 -9.22 -14.17
C GLY A 189 -4.93 -9.21 -14.30
N ALA A 190 -5.51 -10.40 -14.20
CA ALA A 190 -6.94 -10.60 -14.29
C ALA A 190 -7.81 -10.36 -13.06
N ALA A 191 -7.46 -10.96 -11.92
CA ALA A 191 -8.20 -10.83 -10.67
C ALA A 191 -7.67 -9.59 -9.99
N ASN A 192 -8.07 -8.44 -10.48
CA ASN A 192 -7.51 -7.26 -9.86
C ASN A 192 -8.11 -6.71 -8.60
N ASN A 193 -9.03 -7.43 -7.99
CA ASN A 193 -9.59 -6.91 -6.76
C ASN A 193 -9.75 -7.99 -5.76
N VAL A 194 -8.86 -8.93 -5.93
CA VAL A 194 -8.75 -10.08 -5.06
C VAL A 194 -7.25 -10.27 -4.85
N PHE A 195 -6.84 -10.44 -3.59
CA PHE A 195 -5.45 -10.62 -3.23
C PHE A 195 -4.92 -12.03 -3.46
N THR A 196 -4.01 -12.17 -4.43
CA THR A 196 -3.41 -13.47 -4.72
C THR A 196 -1.95 -13.27 -5.14
N ASN A 197 -1.27 -14.36 -5.53
CA ASN A 197 0.11 -14.30 -5.97
C ASN A 197 0.18 -14.14 -7.48
N GLU A 198 -0.95 -13.78 -8.07
CA GLU A 198 -1.07 -13.59 -9.49
C GLU A 198 0.07 -12.81 -10.12
N PHE A 199 0.55 -11.77 -9.43
CA PHE A 199 1.66 -10.94 -9.93
C PHE A 199 2.85 -11.75 -10.40
N TYR A 200 3.37 -12.56 -9.50
CA TYR A 200 4.51 -13.41 -9.76
C TYR A 200 4.23 -14.35 -10.94
N LEU A 201 3.08 -15.01 -10.89
CA LEU A 201 2.69 -15.92 -11.94
C LEU A 201 2.74 -15.21 -13.25
N ASN A 202 2.17 -14.01 -13.30
CA ASN A 202 2.18 -13.26 -14.53
C ASN A 202 3.57 -12.91 -15.02
N LEU A 203 4.36 -12.40 -14.11
CA LEU A 203 5.70 -12.01 -14.44
C LEU A 203 6.47 -13.20 -15.04
N LEU A 204 6.30 -14.38 -14.45
CA LEU A 204 6.99 -15.51 -14.96
C LEU A 204 6.37 -16.23 -16.16
N ASN A 205 5.03 -16.13 -16.33
CA ASN A 205 4.40 -16.85 -17.43
C ASN A 205 4.02 -16.14 -18.70
N GLU A 206 3.96 -14.84 -18.68
CA GLU A 206 3.58 -14.18 -19.90
C GLU A 206 4.76 -13.88 -20.78
N ASP A 207 4.40 -13.65 -22.02
CA ASP A 207 5.33 -13.33 -23.07
C ASP A 207 5.16 -11.82 -23.20
N TRP A 208 6.09 -11.12 -22.55
CA TRP A 208 6.15 -9.68 -22.47
C TRP A 208 6.93 -9.01 -23.56
N LYS A 209 6.34 -7.94 -24.06
CA LYS A 209 6.89 -7.15 -25.11
C LYS A 209 7.06 -5.72 -24.68
N LEU A 210 8.27 -5.22 -24.83
CA LEU A 210 8.49 -3.87 -24.45
C LEU A 210 7.96 -2.97 -25.52
N GLU A 211 7.19 -1.98 -25.09
CA GLU A 211 6.64 -1.05 -26.00
C GLU A 211 6.49 0.28 -25.29
N LYS A 212 6.24 1.29 -26.09
CA LYS A 212 6.04 2.64 -25.63
C LYS A 212 4.53 2.87 -25.53
N ASN A 213 4.12 3.66 -24.56
CA ASN A 213 2.70 3.91 -24.43
C ASN A 213 2.36 5.29 -24.94
N ASP A 214 1.06 5.59 -24.89
CA ASP A 214 0.55 6.88 -25.34
C ASP A 214 1.14 8.06 -24.62
N ALA A 215 1.77 7.83 -23.46
CA ALA A 215 2.39 8.91 -22.70
C ALA A 215 3.88 8.97 -23.08
N ASN A 216 4.28 8.04 -23.95
CA ASN A 216 5.66 7.99 -24.40
C ASN A 216 6.62 7.42 -23.39
N ASN A 217 6.13 6.44 -22.64
CA ASN A 217 6.89 5.77 -21.62
C ASN A 217 6.90 4.32 -21.96
N GLU A 218 7.98 3.64 -21.61
CA GLU A 218 8.02 2.23 -21.89
C GLU A 218 7.37 1.43 -20.80
N GLN A 219 6.80 0.33 -21.23
CA GLN A 219 6.17 -0.66 -20.40
C GLN A 219 6.18 -1.96 -21.17
N TRP A 220 6.12 -3.04 -20.42
CA TRP A 220 6.09 -4.40 -20.89
C TRP A 220 4.63 -4.80 -20.98
N ASP A 221 4.23 -5.14 -22.19
CA ASP A 221 2.89 -5.53 -22.53
C ASP A 221 2.81 -6.98 -22.90
N SER A 222 1.76 -7.63 -22.38
CA SER A 222 1.52 -9.03 -22.64
C SER A 222 0.34 -9.17 -23.57
N LYS A 223 0.27 -10.30 -24.28
CA LYS A 223 -0.79 -10.61 -25.23
C LYS A 223 -2.13 -10.68 -24.55
N SER A 224 -2.07 -11.20 -23.34
CA SER A 224 -3.23 -11.35 -22.49
C SER A 224 -3.86 -10.01 -22.19
N GLY A 225 -3.12 -8.94 -22.48
CA GLY A 225 -3.62 -7.59 -22.24
C GLY A 225 -3.12 -6.99 -20.91
N TYR A 226 -2.10 -7.60 -20.32
CA TYR A 226 -1.52 -7.12 -19.06
C TYR A 226 -0.28 -6.27 -19.31
N MET A 227 0.17 -5.59 -18.26
CA MET A 227 1.34 -4.73 -18.35
C MET A 227 2.20 -4.90 -17.11
N MET A 228 3.45 -4.43 -17.20
CA MET A 228 4.41 -4.49 -16.12
C MET A 228 5.25 -3.26 -16.20
N LEU A 229 5.59 -2.65 -15.09
CA LEU A 229 6.43 -1.46 -15.17
C LEU A 229 7.88 -1.92 -15.27
N PRO A 230 8.75 -1.03 -15.70
CA PRO A 230 10.17 -1.35 -15.78
C PRO A 230 10.63 -1.89 -14.43
N THR A 231 10.26 -1.17 -13.37
CA THR A 231 10.59 -1.59 -12.01
C THR A 231 9.98 -2.94 -11.69
N ASP A 232 8.80 -3.22 -12.23
CA ASP A 232 8.21 -4.51 -11.93
C ASP A 232 9.03 -5.55 -12.64
N TYR A 233 9.26 -5.24 -13.91
CA TYR A 233 10.02 -6.12 -14.77
C TYR A 233 11.39 -6.50 -14.20
N SER A 234 12.07 -5.50 -13.67
CA SER A 234 13.38 -5.68 -13.07
C SER A 234 13.43 -6.79 -12.05
N LEU A 235 12.28 -7.17 -11.47
CA LEU A 235 12.33 -8.27 -10.50
C LEU A 235 12.70 -9.61 -11.13
N ILE A 236 12.72 -9.69 -12.45
CA ILE A 236 13.08 -10.96 -13.07
C ILE A 236 14.43 -10.83 -13.72
N GLN A 237 14.86 -9.59 -13.82
CA GLN A 237 16.15 -9.33 -14.40
C GLN A 237 17.25 -9.57 -13.35
N ASP A 238 16.92 -9.31 -12.07
CA ASP A 238 17.85 -9.50 -10.97
C ASP A 238 17.74 -10.90 -10.39
N PRO A 239 18.90 -11.52 -10.33
CA PRO A 239 19.13 -12.87 -9.86
C PRO A 239 18.62 -13.13 -8.48
N LYS A 240 18.84 -12.15 -7.63
CA LYS A 240 18.37 -12.34 -6.28
C LYS A 240 16.86 -12.15 -6.22
N TYR A 241 16.37 -11.14 -6.90
CA TYR A 241 14.94 -10.91 -6.89
C TYR A 241 14.20 -12.10 -7.51
N LEU A 242 14.68 -12.51 -8.68
CA LEU A 242 14.09 -13.62 -9.42
C LEU A 242 13.80 -14.90 -8.67
N SER A 243 14.69 -15.34 -7.80
CA SER A 243 14.38 -16.56 -7.10
C SER A 243 13.29 -16.36 -6.05
N ILE A 244 13.15 -15.13 -5.56
CA ILE A 244 12.12 -14.90 -4.57
C ILE A 244 10.80 -14.89 -5.33
N VAL A 245 10.83 -14.22 -6.48
CA VAL A 245 9.67 -14.14 -7.35
C VAL A 245 9.12 -15.53 -7.61
N LYS A 246 10.03 -16.47 -7.86
CA LYS A 246 9.69 -17.86 -8.12
C LYS A 246 9.10 -18.59 -6.96
N GLU A 247 9.61 -18.22 -5.80
CA GLU A 247 9.15 -18.85 -4.61
C GLU A 247 7.70 -18.47 -4.32
N TYR A 248 7.40 -17.19 -4.60
CA TYR A 248 6.07 -16.67 -4.39
C TYR A 248 5.14 -17.20 -5.47
N ALA A 249 5.70 -17.38 -6.67
CA ALA A 249 4.87 -17.89 -7.74
C ALA A 249 4.47 -19.31 -7.39
N ASN A 250 5.31 -19.94 -6.59
CA ASN A 250 5.07 -21.30 -6.18
C ASN A 250 4.30 -21.55 -4.89
N ASP A 251 4.33 -20.58 -3.98
CA ASP A 251 3.64 -20.80 -2.72
C ASP A 251 2.96 -19.56 -2.18
N GLN A 252 1.67 -19.43 -2.51
CA GLN A 252 0.87 -18.30 -2.09
C GLN A 252 0.88 -18.07 -0.59
N ASP A 253 0.99 -19.16 0.17
CA ASP A 253 1.01 -19.13 1.61
C ASP A 253 2.25 -18.38 2.10
N LYS A 254 3.38 -18.72 1.52
CA LYS A 254 4.64 -18.10 1.84
C LYS A 254 4.48 -16.61 1.57
N PHE A 255 3.98 -16.33 0.37
CA PHE A 255 3.77 -14.96 -0.08
C PHE A 255 2.99 -14.13 0.91
N PHE A 256 1.87 -14.71 1.31
CA PHE A 256 0.98 -14.05 2.27
C PHE A 256 1.69 -13.73 3.59
N LYS A 257 2.40 -14.70 4.16
CA LYS A 257 3.12 -14.49 5.41
C LYS A 257 4.13 -13.37 5.30
N ASP A 258 4.93 -13.47 4.27
CA ASP A 258 5.94 -12.45 4.05
C ASP A 258 5.35 -11.09 3.81
N PHE A 259 4.26 -11.04 3.05
CA PHE A 259 3.58 -9.78 2.75
C PHE A 259 3.07 -9.08 4.02
N SER A 260 2.41 -9.86 4.84
CA SER A 260 1.84 -9.47 6.09
C SER A 260 2.89 -8.78 6.96
N LYS A 261 4.00 -9.49 7.21
CA LYS A 261 5.06 -8.91 8.01
C LYS A 261 5.62 -7.66 7.40
N ALA A 262 5.88 -7.67 6.10
CA ALA A 262 6.45 -6.47 5.49
C ALA A 262 5.54 -5.26 5.43
N PHE A 263 4.26 -5.54 5.27
CA PHE A 263 3.32 -4.45 5.18
C PHE A 263 3.19 -3.74 6.55
N GLU A 264 3.12 -4.54 7.60
CA GLU A 264 3.01 -3.99 8.91
C GLU A 264 4.22 -3.13 9.17
N LYS A 265 5.39 -3.73 8.95
CA LYS A 265 6.62 -3.01 9.15
C LYS A 265 6.64 -1.72 8.36
N LEU A 266 6.18 -1.85 7.13
CA LEU A 266 6.15 -0.65 6.30
C LEU A 266 5.31 0.48 6.91
N LEU A 267 4.17 0.09 7.47
CA LEU A 267 3.22 1.04 8.08
C LEU A 267 3.65 1.54 9.46
N GLU A 268 4.54 0.80 10.12
CA GLU A 268 5.04 1.11 11.44
C GLU A 268 6.43 1.74 11.44
N ASP A 269 6.96 2.00 10.26
CA ASP A 269 8.28 2.61 10.21
C ASP A 269 8.31 4.05 10.75
N GLY A 270 9.33 4.33 11.56
CA GLY A 270 9.52 5.65 12.14
C GLY A 270 8.73 5.83 13.44
N ILE A 271 8.01 4.80 13.87
CA ILE A 271 7.25 4.95 15.08
C ILE A 271 7.78 4.12 16.23
N THR A 272 7.77 4.74 17.40
CA THR A 272 8.22 4.10 18.62
C THR A 272 7.04 3.72 19.52
N PHE A 273 6.93 2.43 19.81
CA PHE A 273 5.87 1.92 20.65
C PHE A 273 6.33 1.59 22.05
N PRO A 274 5.84 2.39 23.00
CA PRO A 274 6.17 2.23 24.40
C PRO A 274 5.81 0.85 24.87
N LYS A 275 6.51 0.41 25.92
CA LYS A 275 6.34 -0.87 26.58
C LYS A 275 4.91 -1.19 26.97
N ASP A 276 4.22 -0.17 27.46
CA ASP A 276 2.85 -0.30 27.88
C ASP A 276 1.81 -0.21 26.75
N ALA A 277 2.27 0.02 25.51
CA ALA A 277 1.35 0.10 24.39
C ALA A 277 0.64 -1.24 24.20
N PRO A 278 -0.60 -1.19 23.73
CA PRO A 278 -1.32 -2.44 23.54
C PRO A 278 -0.71 -3.27 22.42
N SER A 279 -0.96 -4.57 22.46
CA SER A 279 -0.42 -5.37 21.38
C SER A 279 -1.14 -4.94 20.12
N PRO A 280 -0.63 -5.42 19.01
CA PRO A 280 -1.26 -5.08 17.76
C PRO A 280 -2.58 -5.82 17.65
N PHE A 281 -3.51 -5.19 17.00
CA PHE A 281 -4.79 -5.79 16.84
C PHE A 281 -4.93 -6.55 15.53
N ILE A 282 -5.67 -7.64 15.57
CA ILE A 282 -5.93 -8.42 14.36
C ILE A 282 -7.43 -8.28 14.15
N PHE A 283 -7.89 -7.48 13.21
CA PHE A 283 -9.33 -7.32 13.01
C PHE A 283 -10.04 -8.43 12.27
N LYS A 284 -11.32 -8.63 12.63
CA LYS A 284 -12.15 -9.64 12.00
C LYS A 284 -12.73 -9.06 10.74
N THR A 285 -12.84 -9.87 9.69
CA THR A 285 -13.41 -9.31 8.47
C THR A 285 -14.93 -9.25 8.63
N LEU A 286 -15.62 -8.62 7.69
CA LEU A 286 -17.07 -8.56 7.76
C LEU A 286 -17.62 -9.96 7.89
N GLU A 287 -17.17 -10.79 6.98
CA GLU A 287 -17.57 -12.18 6.92
C GLU A 287 -17.34 -12.92 8.21
N GLU A 288 -16.25 -12.61 8.90
CA GLU A 288 -16.00 -13.31 10.15
C GLU A 288 -16.99 -12.89 11.21
N GLN A 289 -17.54 -11.71 11.03
CA GLN A 289 -18.52 -11.22 11.98
C GLN A 289 -19.94 -11.53 11.55
N GLY A 290 -20.13 -12.10 10.35
CA GLY A 290 -21.47 -12.41 9.87
C GLY A 290 -22.20 -11.14 9.47
N LEU A 291 -21.46 -10.11 9.07
CA LEU A 291 -22.00 -8.83 8.65
C LEU A 291 -21.96 -8.58 7.16
FE CCH B . 2.54 0.69 -6.89
NA CCH B . 2.23 1.76 -8.44
NB CCH B . 4.44 1.14 -7.27
NC CCH B . 2.85 -0.31 -5.32
ND CCH B . 0.52 0.51 -6.53
C1A CCH B . 0.96 1.92 -9.01
CHA CCH B . -0.27 1.52 -8.57
C4D CCH B . -0.49 0.78 -7.44
C1B CCH B . 5.09 1.88 -8.22
CHB CCH B . 4.47 2.66 -9.15
C4A CCH B . 3.11 2.46 -9.26
C1C CCH B . 4.09 -0.39 -4.70
CHC CCH B . 5.29 -0.01 -5.25
C4B CCH B . 5.42 0.52 -6.51
C1D CCH B . -0.02 -0.36 -5.62
CHD CCH B . 0.57 -0.79 -4.46
C4C CCH B . 1.94 -0.72 -4.37
C2A CCH B . 1.05 2.93 -10.04
CAA CCH B . -0.17 3.27 -10.91
C3A CCH B . 2.35 3.17 -10.26
CMA CCH B . 3.02 3.92 -11.42
CBA CCH B . -0.68 4.72 -10.74
CGA CCH B . -1.91 5.09 -11.55
O1A CCH B . -1.74 5.48 -12.74
O2A CCH B . -3.02 4.96 -10.95
C2B CCH B . 6.52 1.80 -7.99
CMB CCH B . 7.59 2.58 -8.78
C3B CCH B . 6.69 1.06 -6.88
CAB CCH B . 7.94 0.70 -6.09
OBB CCH B . 9.00 0.60 -6.69
C2C CCH B . 3.95 -1.11 -3.46
CMC CCH B . 5.09 -1.37 -2.44
C3C CCH B . 2.64 -1.17 -3.20
CAC CCH B . 1.91 -1.57 -1.92
CBC CCH B . 2.36 -2.53 -1.13
C2D CCH B . -1.44 -0.52 -5.87
CMD CCH B . -2.32 -1.50 -5.07
C3D CCH B . -1.72 0.17 -6.97
CAD CCH B . -2.99 0.17 -7.82
CBD CCH B . -3.78 1.47 -7.60
CGD CCH B . -5.05 1.55 -8.39
O1D CCH B . -5.60 2.70 -8.38
O2D CCH B . -5.42 0.50 -8.97
#